data_1VAD
#
_entry.id   1VAD
#
_cell.length_a   138.010
_cell.length_b   89.420
_cell.length_c   45.920
_cell.angle_alpha   90.00
_cell.angle_beta   90.00
_cell.angle_gamma   90.00
#
_symmetry.space_group_name_H-M   'P 21 21 2'
#
loop_
_entity.id
_entity.type
_entity.pdbx_description
1 polymer 'MHC CLASS I H-2KB HEAVY CHAIN'
2 polymer 'BETA-2 MICROGLOBULIN'
3 polymer 'YEAST ALPHA-GLUCOSIDASE'
4 water water
#
loop_
_entity_poly.entity_id
_entity_poly.type
_entity_poly.pdbx_seq_one_letter_code
_entity_poly.pdbx_strand_id
1 'polypeptide(L)'
;GPHSLRYFVTAVSRPGLGEPRYMEVGYVDDTEFVRFDSDAENPRYEPRARWMEQEGPEYWERETQKAKGNEQSFRVDLRT
LLGYYNQSKGGSHTIQVISGCEVGSDGRLLRGYQQYAYDGCDYIALNEDLKTWTAADMAALITKHKWEQAGEAERLRAYL
EGTCVEWLRRYLKNGNATLLRTDSPKAHVTHHSRPEDKVTLRCWALGFYPADITLTWQLNGEELIQDMELVETRPAGDGT
FQKWASVVVPLGKEQYYTCHVYHQGLPEPLTLRW
;
A
2 'polypeptide(L)'
;IQKTPQIQVYSRHPPENGKPNILNCYVTQFHPPHIEIQMLKNGKKIPKVEMSDMSFSKDWSFYILAHTEFTPTETDTYAC
RVKHDSMAEPKTVYWDRDM
;
B
3 'polypeptide(L)' SRDHSRTPM P
#
# COMPACT_ATOMS: atom_id res chain seq x y z
N GLY A 1 10.28 -7.52 17.50
CA GLY A 1 9.61 -8.34 16.46
C GLY A 1 10.36 -8.16 15.16
N PRO A 2 9.93 -8.84 14.08
CA PRO A 2 10.61 -8.74 12.78
C PRO A 2 10.32 -7.37 12.16
N HIS A 3 11.22 -6.93 11.29
CA HIS A 3 11.08 -5.66 10.63
C HIS A 3 11.46 -5.83 9.19
N SER A 4 10.86 -5.05 8.29
CA SER A 4 11.17 -5.19 6.88
C SER A 4 11.42 -3.88 6.16
N LEU A 5 12.22 -3.98 5.10
CA LEU A 5 12.56 -2.86 4.24
C LEU A 5 12.03 -3.36 2.91
N ARG A 6 11.05 -2.66 2.35
CA ARG A 6 10.45 -3.07 1.07
C ARG A 6 10.36 -1.92 0.09
N TYR A 7 10.59 -2.23 -1.19
CA TYR A 7 10.51 -1.24 -2.24
C TYR A 7 9.54 -1.74 -3.31
N PHE A 8 8.53 -0.93 -3.60
CA PHE A 8 7.53 -1.23 -4.61
C PHE A 8 7.90 -0.41 -5.84
N VAL A 9 8.36 -1.09 -6.90
CA VAL A 9 8.79 -0.43 -8.12
C VAL A 9 7.81 -0.63 -9.27
N THR A 10 7.56 0.43 -10.04
CA THR A 10 6.63 0.38 -11.17
C THR A 10 7.16 1.14 -12.38
N ALA A 11 6.98 0.55 -13.55
CA ALA A 11 7.39 1.13 -14.82
C ALA A 11 6.20 0.94 -15.76
N VAL A 12 5.65 2.05 -16.24
CA VAL A 12 4.49 2.00 -17.12
C VAL A 12 4.77 2.75 -18.42
N SER A 13 4.68 2.07 -19.54
CA SER A 13 4.92 2.71 -20.83
C SER A 13 3.69 3.54 -21.18
N ARG A 14 3.90 4.65 -21.86
CA ARG A 14 2.80 5.54 -22.25
C ARG A 14 2.97 5.91 -23.72
N PRO A 15 2.75 4.94 -24.63
CA PRO A 15 2.89 5.19 -26.07
C PRO A 15 2.14 6.45 -26.53
N GLY A 16 2.84 7.28 -27.29
CA GLY A 16 2.25 8.51 -27.79
C GLY A 16 2.34 9.66 -26.80
N LEU A 17 2.43 9.32 -25.52
CA LEU A 17 2.50 10.33 -24.47
C LEU A 17 3.92 10.56 -23.94
N GLY A 18 4.92 10.05 -24.65
CA GLY A 18 6.29 10.25 -24.22
C GLY A 18 6.94 9.10 -23.47
N GLU A 19 7.87 9.45 -22.58
CA GLU A 19 8.62 8.48 -21.78
C GLU A 19 7.75 7.74 -20.78
N PRO A 20 8.20 6.54 -20.35
CA PRO A 20 7.44 5.75 -19.38
C PRO A 20 7.45 6.41 -18.00
N ARG A 21 6.41 6.14 -17.23
CA ARG A 21 6.30 6.65 -15.88
C ARG A 21 7.11 5.68 -15.03
N TYR A 22 7.96 6.19 -14.15
CA TYR A 22 8.78 5.34 -13.29
C TYR A 22 8.68 5.81 -11.84
N MET A 23 8.36 4.88 -10.94
CA MET A 23 8.22 5.23 -9.53
C MET A 23 8.82 4.19 -8.58
N GLU A 24 9.30 4.68 -7.44
CA GLU A 24 9.84 3.82 -6.41
C GLU A 24 9.30 4.35 -5.09
N VAL A 25 8.65 3.50 -4.31
CA VAL A 25 8.13 3.87 -3.00
C VAL A 25 8.75 2.88 -2.01
N GLY A 26 9.37 3.40 -0.95
CA GLY A 26 10.01 2.55 0.05
C GLY A 26 9.28 2.49 1.39
N TYR A 27 9.37 1.34 2.06
CA TYR A 27 8.70 1.15 3.35
C TYR A 27 9.53 0.44 4.40
N VAL A 28 9.48 0.93 5.63
CA VAL A 28 10.14 0.26 6.74
C VAL A 28 8.88 -0.14 7.49
N ASP A 29 8.59 -1.44 7.51
CA ASP A 29 7.38 -1.95 8.14
C ASP A 29 6.20 -1.35 7.37
N ASP A 30 5.25 -0.75 8.08
CA ASP A 30 4.08 -0.15 7.45
C ASP A 30 4.23 1.33 7.18
N THR A 31 5.45 1.85 7.31
CA THR A 31 5.65 3.28 7.11
C THR A 31 6.40 3.68 5.85
N GLU A 32 5.74 4.45 5.00
CA GLU A 32 6.35 4.98 3.78
C GLU A 32 7.45 5.94 4.26
N PHE A 33 8.63 5.85 3.70
CA PHE A 33 9.72 6.73 4.12
C PHE A 33 10.52 7.41 3.02
N VAL A 34 10.48 6.88 1.79
CA VAL A 34 11.18 7.48 0.65
C VAL A 34 10.36 7.29 -0.60
N ARG A 35 10.62 8.10 -1.63
CA ARG A 35 9.87 8.00 -2.86
C ARG A 35 10.53 8.72 -4.01
N PHE A 36 10.37 8.17 -5.21
CA PHE A 36 10.89 8.74 -6.45
C PHE A 36 9.78 8.63 -7.48
N ASP A 37 9.53 9.73 -8.20
CA ASP A 37 8.51 9.76 -9.23
C ASP A 37 9.11 10.47 -10.42
N SER A 38 9.23 9.77 -11.55
CA SER A 38 9.81 10.33 -12.76
C SER A 38 9.00 11.49 -13.35
N ASP A 39 7.70 11.51 -13.03
CA ASP A 39 6.79 12.55 -13.48
C ASP A 39 6.85 13.76 -12.54
N ALA A 40 7.66 13.66 -11.51
CA ALA A 40 7.79 14.74 -10.54
C ALA A 40 8.36 15.99 -11.20
N GLU A 41 7.95 17.13 -10.66
CA GLU A 41 8.39 18.46 -11.12
C GLU A 41 9.91 18.42 -11.28
N ASN A 42 10.56 17.93 -10.24
CA ASN A 42 12.01 17.77 -10.22
C ASN A 42 12.28 16.37 -9.66
N PRO A 43 12.54 15.40 -10.55
CA PRO A 43 12.82 14.02 -10.15
C PRO A 43 14.05 13.88 -9.27
N ARG A 44 13.79 13.59 -8.00
CA ARG A 44 14.82 13.41 -7.00
C ARG A 44 14.21 12.42 -6.02
N TYR A 45 15.06 11.70 -5.28
CA TYR A 45 14.57 10.80 -4.26
C TYR A 45 14.23 11.76 -3.12
N GLU A 46 13.05 11.66 -2.56
CA GLU A 46 12.63 12.55 -1.49
C GLU A 46 12.17 11.81 -0.22
N PRO A 47 12.33 12.44 0.95
CA PRO A 47 11.93 11.84 2.23
C PRO A 47 10.42 11.89 2.36
N ARG A 48 9.85 10.92 3.06
CA ARG A 48 8.41 10.88 3.27
C ARG A 48 8.14 10.75 4.76
N ALA A 49 9.21 10.53 5.52
CA ALA A 49 9.11 10.39 6.96
C ALA A 49 10.06 11.40 7.59
N ARG A 50 9.60 12.05 8.65
CA ARG A 50 10.37 13.07 9.34
C ARG A 50 11.77 12.62 9.74
N TRP A 51 11.87 11.38 10.22
CA TRP A 51 13.17 10.86 10.66
C TRP A 51 14.25 10.75 9.60
N MET A 52 13.87 10.82 8.32
CA MET A 52 14.86 10.74 7.25
C MET A 52 15.71 12.01 7.11
N GLU A 53 15.41 13.01 7.93
CA GLU A 53 16.17 14.27 7.90
C GLU A 53 17.60 14.05 8.40
N GLN A 54 17.82 12.90 9.06
CA GLN A 54 19.12 12.55 9.59
C GLN A 54 20.11 12.10 8.52
N GLU A 55 19.63 11.87 7.31
CA GLU A 55 20.50 11.46 6.21
C GLU A 55 21.13 12.67 5.55
N GLY A 56 22.43 12.61 5.32
CA GLY A 56 23.12 13.73 4.71
C GLY A 56 22.74 13.94 3.26
N PRO A 57 23.18 15.06 2.67
CA PRO A 57 22.86 15.35 1.27
C PRO A 57 23.44 14.29 0.34
N GLU A 58 24.49 13.64 0.78
CA GLU A 58 25.12 12.60 -0.01
C GLU A 58 24.18 11.39 -0.19
N TYR A 59 23.33 11.16 0.78
CA TYR A 59 22.39 10.04 0.69
C TYR A 59 21.44 10.28 -0.48
N TRP A 60 20.81 11.44 -0.47
CA TRP A 60 19.86 11.81 -1.52
C TRP A 60 20.45 11.89 -2.92
N GLU A 61 21.73 12.22 -3.03
CA GLU A 61 22.37 12.29 -4.34
C GLU A 61 22.61 10.89 -4.89
N ARG A 62 23.05 9.99 -4.02
CA ARG A 62 23.31 8.61 -4.41
C ARG A 62 22.04 7.90 -4.85
N GLU A 63 21.03 7.95 -3.99
CA GLU A 63 19.75 7.33 -4.28
C GLU A 63 19.10 7.89 -5.54
N THR A 64 19.19 9.21 -5.75
CA THR A 64 18.61 9.82 -6.95
C THR A 64 19.32 9.30 -8.19
N GLN A 65 20.65 9.25 -8.17
CA GLN A 65 21.37 8.75 -9.32
C GLN A 65 21.00 7.30 -9.59
N LYS A 66 20.94 6.49 -8.54
CA LYS A 66 20.58 5.08 -8.71
C LYS A 66 19.21 4.99 -9.40
N ALA A 67 18.22 5.69 -8.86
CA ALA A 67 16.87 5.67 -9.41
C ALA A 67 16.86 5.99 -10.90
N LYS A 68 17.58 7.03 -11.30
CA LYS A 68 17.62 7.43 -12.71
C LYS A 68 18.21 6.30 -13.53
N GLY A 69 19.20 5.62 -12.95
CA GLY A 69 19.82 4.49 -13.63
C GLY A 69 18.83 3.34 -13.74
N ASN A 70 18.07 3.12 -12.66
CA ASN A 70 17.08 2.06 -12.64
C ASN A 70 15.97 2.38 -13.62
N GLU A 71 15.65 3.67 -13.74
CA GLU A 71 14.63 4.14 -14.67
C GLU A 71 15.02 3.76 -16.09
N GLN A 72 16.29 3.96 -16.42
CA GLN A 72 16.77 3.64 -17.76
C GLN A 72 16.73 2.14 -18.06
N SER A 73 17.21 1.31 -17.14
CA SER A 73 17.19 -0.13 -17.37
C SER A 73 15.75 -0.63 -17.59
N PHE A 74 14.78 -0.04 -16.89
CA PHE A 74 13.39 -0.45 -17.05
C PHE A 74 12.74 0.08 -18.33
N ARG A 75 13.34 1.10 -18.95
CA ARG A 75 12.79 1.63 -20.20
C ARG A 75 13.07 0.57 -21.26
N VAL A 76 14.26 -0.01 -21.15
CA VAL A 76 14.73 -1.04 -22.06
C VAL A 76 13.93 -2.32 -21.83
N ASP A 77 13.75 -2.68 -20.56
CA ASP A 77 12.98 -3.87 -20.19
C ASP A 77 11.60 -3.87 -20.84
N LEU A 78 10.97 -2.70 -20.87
CA LEU A 78 9.64 -2.55 -21.49
C LEU A 78 9.70 -2.87 -22.97
N ARG A 79 10.77 -2.43 -23.64
CA ARG A 79 10.93 -2.71 -25.06
C ARG A 79 11.13 -4.21 -25.22
N THR A 80 12.08 -4.75 -24.48
CA THR A 80 12.39 -6.18 -24.53
C THR A 80 11.15 -7.07 -24.38
N LEU A 81 10.39 -6.89 -23.32
CA LEU A 81 9.21 -7.71 -23.11
C LEU A 81 8.21 -7.68 -24.27
N LEU A 82 8.23 -6.59 -25.05
CA LEU A 82 7.34 -6.51 -26.21
C LEU A 82 7.80 -7.57 -27.20
N GLY A 83 9.11 -7.70 -27.33
CA GLY A 83 9.67 -8.69 -28.24
C GLY A 83 9.31 -10.09 -27.77
N TYR A 84 9.66 -10.40 -26.52
CA TYR A 84 9.38 -11.71 -25.94
C TYR A 84 7.93 -12.13 -26.14
N TYR A 85 7.00 -11.22 -25.93
CA TYR A 85 5.59 -11.54 -26.07
C TYR A 85 4.99 -11.24 -27.43
N ASN A 86 5.80 -10.73 -28.35
CA ASN A 86 5.31 -10.42 -29.70
C ASN A 86 4.14 -9.44 -29.64
N GLN A 87 4.34 -8.31 -28.97
CA GLN A 87 3.29 -7.30 -28.83
C GLN A 87 3.65 -6.02 -29.59
N SER A 88 2.64 -5.22 -29.93
CA SER A 88 2.87 -3.98 -30.67
C SER A 88 3.33 -2.81 -29.82
N LYS A 89 4.07 -1.89 -30.44
CA LYS A 89 4.62 -0.71 -29.77
C LYS A 89 3.60 0.31 -29.30
N GLY A 90 2.34 0.15 -29.69
CA GLY A 90 1.34 1.12 -29.31
C GLY A 90 0.59 0.92 -28.01
N GLY A 91 0.83 -0.20 -27.33
CA GLY A 91 0.13 -0.44 -26.08
C GLY A 91 0.85 -0.05 -24.81
N SER A 92 0.09 0.19 -23.74
CA SER A 92 0.67 0.54 -22.46
C SER A 92 0.89 -0.77 -21.70
N HIS A 93 2.06 -0.89 -21.08
CA HIS A 93 2.39 -2.09 -20.33
C HIS A 93 3.03 -1.71 -19.04
N THR A 94 2.97 -2.61 -18.06
CA THR A 94 3.52 -2.34 -16.74
C THR A 94 4.44 -3.44 -16.23
N ILE A 95 5.47 -3.02 -15.51
CA ILE A 95 6.42 -3.93 -14.89
C ILE A 95 6.39 -3.53 -13.41
N GLN A 96 6.20 -4.51 -12.55
CA GLN A 96 6.14 -4.26 -11.10
C GLN A 96 7.19 -5.12 -10.44
N VAL A 97 7.81 -4.57 -9.40
CA VAL A 97 8.84 -5.30 -8.66
C VAL A 97 8.69 -5.05 -7.17
N ILE A 98 8.92 -6.10 -6.39
CA ILE A 98 8.89 -6.00 -4.94
C ILE A 98 10.27 -6.50 -4.56
N SER A 99 11.00 -5.66 -3.84
CA SER A 99 12.36 -5.96 -3.43
C SER A 99 12.49 -5.63 -1.94
N GLY A 100 13.11 -6.52 -1.16
CA GLY A 100 13.25 -6.25 0.24
C GLY A 100 13.89 -7.34 1.07
N CYS A 101 13.98 -7.11 2.38
CA CYS A 101 14.55 -8.05 3.34
C CYS A 101 13.89 -7.84 4.69
N GLU A 102 13.91 -8.87 5.53
CA GLU A 102 13.33 -8.82 6.87
C GLU A 102 14.34 -9.33 7.88
N VAL A 103 14.36 -8.70 9.05
CA VAL A 103 15.27 -9.09 10.11
C VAL A 103 14.48 -9.47 11.36
N GLY A 104 15.11 -10.22 12.26
CA GLY A 104 14.43 -10.61 13.48
C GLY A 104 14.55 -9.47 14.47
N SER A 105 14.09 -9.68 15.70
CA SER A 105 14.17 -8.64 16.71
C SER A 105 15.62 -8.34 17.11
N ASP A 106 16.50 -9.32 16.89
CA ASP A 106 17.92 -9.19 17.21
C ASP A 106 18.72 -8.65 16.03
N GLY A 107 18.03 -8.32 14.94
CA GLY A 107 18.68 -7.75 13.78
C GLY A 107 19.29 -8.64 12.73
N ARG A 108 19.12 -9.95 12.85
CA ARG A 108 19.67 -10.86 11.85
C ARG A 108 18.65 -11.12 10.74
N LEU A 109 19.14 -11.41 9.55
CA LEU A 109 18.30 -11.67 8.39
C LEU A 109 17.39 -12.87 8.54
N LEU A 110 16.09 -12.65 8.34
CA LEU A 110 15.10 -13.71 8.39
C LEU A 110 14.90 -14.23 6.97
N ARG A 111 14.80 -13.32 6.01
CA ARG A 111 14.61 -13.68 4.61
C ARG A 111 14.69 -12.48 3.67
N GLY A 112 14.96 -12.75 2.40
CA GLY A 112 15.05 -11.71 1.40
C GLY A 112 14.14 -12.10 0.25
N TYR A 113 13.73 -11.15 -0.57
CA TYR A 113 12.86 -11.45 -1.69
C TYR A 113 12.91 -10.42 -2.80
N GLN A 114 12.58 -10.88 -4.00
CA GLN A 114 12.57 -10.04 -5.19
C GLN A 114 11.65 -10.73 -6.18
N GLN A 115 10.60 -10.03 -6.60
CA GLN A 115 9.63 -10.58 -7.53
C GLN A 115 9.25 -9.58 -8.61
N TYR A 116 9.19 -10.05 -9.85
CA TYR A 116 8.83 -9.20 -10.99
C TYR A 116 7.51 -9.68 -11.55
N ALA A 117 6.76 -8.77 -12.16
CA ALA A 117 5.48 -9.09 -12.77
C ALA A 117 5.30 -8.24 -14.02
N TYR A 118 4.59 -8.77 -15.01
CA TYR A 118 4.35 -8.04 -16.24
C TYR A 118 2.85 -8.02 -16.44
N ASP A 119 2.31 -6.81 -16.59
CA ASP A 119 0.88 -6.60 -16.78
C ASP A 119 -0.03 -7.25 -15.73
N GLY A 120 0.46 -7.29 -14.49
CA GLY A 120 -0.32 -7.86 -13.40
C GLY A 120 -0.16 -9.35 -13.17
N CYS A 121 0.74 -9.98 -13.90
CA CYS A 121 0.96 -11.41 -13.76
C CYS A 121 2.42 -11.72 -13.47
N ASP A 122 2.63 -12.69 -12.59
CA ASP A 122 3.97 -13.11 -12.22
C ASP A 122 4.84 -13.34 -13.43
N TYR A 123 6.11 -13.00 -13.29
CA TYR A 123 7.06 -13.15 -14.38
C TYR A 123 8.24 -14.01 -13.90
N ILE A 124 9.00 -13.51 -12.94
CA ILE A 124 10.13 -14.25 -12.43
C ILE A 124 10.29 -13.85 -10.97
N ALA A 125 10.77 -14.77 -10.15
CA ALA A 125 10.95 -14.50 -8.73
C ALA A 125 12.13 -15.25 -8.18
N LEU A 126 12.84 -14.62 -7.25
CA LEU A 126 13.98 -15.26 -6.61
C LEU A 126 13.36 -16.26 -5.66
N ASN A 127 13.93 -17.46 -5.58
CA ASN A 127 13.42 -18.47 -4.67
C ASN A 127 13.91 -18.21 -3.25
N GLU A 128 13.25 -18.82 -2.27
CA GLU A 128 13.61 -18.62 -0.88
C GLU A 128 15.08 -18.87 -0.63
N ASP A 129 15.68 -19.78 -1.38
CA ASP A 129 17.09 -20.11 -1.22
C ASP A 129 18.05 -18.99 -1.57
N LEU A 130 17.53 -17.95 -2.22
CA LEU A 130 18.31 -16.80 -2.63
C LEU A 130 19.38 -17.19 -3.66
N LYS A 131 19.20 -18.33 -4.30
CA LYS A 131 20.17 -18.80 -5.27
C LYS A 131 19.52 -19.15 -6.61
N THR A 132 18.26 -19.56 -6.60
CA THR A 132 17.61 -19.92 -7.85
C THR A 132 16.42 -19.04 -8.22
N TRP A 133 16.06 -19.06 -9.50
CA TRP A 133 14.95 -18.28 -10.03
C TRP A 133 13.83 -19.22 -10.45
N THR A 134 12.61 -18.71 -10.47
CA THR A 134 11.47 -19.49 -10.89
C THR A 134 10.65 -18.63 -11.86
N ALA A 135 10.54 -19.09 -13.10
CA ALA A 135 9.82 -18.38 -14.15
C ALA A 135 8.36 -18.78 -14.19
N ALA A 136 7.49 -17.83 -14.56
CA ALA A 136 6.06 -18.08 -14.63
C ALA A 136 5.64 -18.52 -16.02
N ASP A 137 6.45 -18.19 -17.02
CA ASP A 137 6.14 -18.57 -18.40
C ASP A 137 7.41 -18.71 -19.23
N MET A 138 7.25 -18.99 -20.52
CA MET A 138 8.39 -19.16 -21.41
C MET A 138 9.20 -17.89 -21.66
N ALA A 139 8.53 -16.75 -21.72
CA ALA A 139 9.22 -15.47 -21.93
C ALA A 139 10.20 -15.30 -20.76
N ALA A 140 9.68 -15.45 -19.54
CA ALA A 140 10.48 -15.35 -18.33
C ALA A 140 11.60 -16.39 -18.30
N LEU A 141 11.46 -17.44 -19.09
CA LEU A 141 12.47 -18.50 -19.15
C LEU A 141 13.72 -17.95 -19.83
N ILE A 142 13.53 -16.99 -20.73
CA ILE A 142 14.64 -16.36 -21.44
C ILE A 142 15.43 -15.48 -20.47
N THR A 143 14.70 -14.70 -19.66
CA THR A 143 15.31 -13.82 -18.66
C THR A 143 16.07 -14.67 -17.64
N LYS A 144 15.44 -15.76 -17.21
CA LYS A 144 16.03 -16.70 -16.25
C LYS A 144 17.42 -17.15 -16.72
N HIS A 145 17.49 -17.64 -17.96
CA HIS A 145 18.76 -18.10 -18.52
C HIS A 145 19.79 -16.96 -18.58
N LYS A 146 19.38 -15.77 -19.03
CA LYS A 146 20.27 -14.60 -19.09
C LYS A 146 20.83 -14.29 -17.70
N TRP A 147 19.94 -14.27 -16.71
CA TRP A 147 20.31 -13.97 -15.34
C TRP A 147 21.25 -15.00 -14.74
N GLU A 148 21.09 -16.26 -15.15
CA GLU A 148 21.93 -17.33 -14.65
C GLU A 148 23.34 -17.22 -15.22
N GLN A 149 23.46 -16.85 -16.49
CA GLN A 149 24.80 -16.68 -17.08
C GLN A 149 25.48 -15.41 -16.58
N ALA A 150 24.70 -14.38 -16.29
CA ALA A 150 25.25 -13.13 -15.79
C ALA A 150 25.66 -13.20 -14.33
N GLY A 151 25.02 -14.06 -13.56
CA GLY A 151 25.34 -14.20 -12.16
C GLY A 151 24.53 -13.26 -11.29
N GLU A 152 23.35 -12.91 -11.78
CA GLU A 152 22.45 -12.00 -11.08
C GLU A 152 22.11 -12.44 -9.64
N ALA A 153 21.74 -13.69 -9.46
CA ALA A 153 21.38 -14.19 -8.14
C ALA A 153 22.46 -14.01 -7.06
N GLU A 154 23.72 -14.20 -7.44
CA GLU A 154 24.83 -14.03 -6.50
C GLU A 154 24.91 -12.55 -6.13
N ARG A 155 24.76 -11.72 -7.15
CA ARG A 155 24.80 -10.26 -7.01
C ARG A 155 23.68 -9.73 -6.13
N LEU A 156 22.47 -10.23 -6.35
CA LEU A 156 21.30 -9.81 -5.60
C LEU A 156 21.39 -10.29 -4.15
N ARG A 157 21.86 -11.53 -3.97
CA ARG A 157 22.02 -12.11 -2.63
C ARG A 157 22.92 -11.20 -1.79
N ALA A 158 23.97 -10.69 -2.42
CA ALA A 158 24.89 -9.79 -1.73
C ALA A 158 24.14 -8.58 -1.20
N TYR A 159 23.26 -8.01 -2.03
CA TYR A 159 22.46 -6.87 -1.64
C TYR A 159 21.51 -7.22 -0.49
N LEU A 160 20.73 -8.28 -0.64
CA LEU A 160 19.75 -8.68 0.36
C LEU A 160 20.34 -9.04 1.72
N GLU A 161 21.49 -9.70 1.73
CA GLU A 161 22.10 -10.08 2.99
C GLU A 161 22.96 -8.98 3.60
N GLY A 162 23.45 -8.08 2.76
CA GLY A 162 24.30 -7.01 3.26
C GLY A 162 23.62 -5.66 3.34
N THR A 163 23.75 -4.89 2.26
CA THR A 163 23.18 -3.56 2.15
C THR A 163 21.76 -3.42 2.72
N CYS A 164 20.88 -4.28 2.25
CA CYS A 164 19.50 -4.26 2.70
C CYS A 164 19.42 -4.37 4.22
N VAL A 165 20.07 -5.39 4.76
CA VAL A 165 20.07 -5.65 6.21
C VAL A 165 20.68 -4.51 7.02
N GLU A 166 21.85 -4.05 6.59
CA GLU A 166 22.54 -2.97 7.27
C GLU A 166 21.76 -1.65 7.29
N TRP A 167 21.24 -1.26 6.14
CA TRP A 167 20.44 -0.03 6.07
C TRP A 167 19.12 -0.14 6.83
N LEU A 168 18.56 -1.34 6.89
CA LEU A 168 17.31 -1.56 7.63
C LEU A 168 17.60 -1.28 9.11
N ARG A 169 18.71 -1.81 9.61
CA ARG A 169 19.14 -1.63 10.99
C ARG A 169 19.30 -0.15 11.30
N ARG A 170 19.90 0.57 10.36
CA ARG A 170 20.11 2.00 10.50
C ARG A 170 18.81 2.80 10.51
N TYR A 171 17.88 2.46 9.62
CA TYR A 171 16.62 3.18 9.55
C TYR A 171 15.85 3.02 10.86
N LEU A 172 15.77 1.79 11.34
CA LEU A 172 15.07 1.49 12.58
C LEU A 172 15.65 2.29 13.73
N LYS A 173 16.95 2.53 13.66
CA LYS A 173 17.64 3.27 14.70
C LYS A 173 17.31 4.75 14.65
N ASN A 174 17.56 5.38 13.52
CA ASN A 174 17.29 6.80 13.35
C ASN A 174 15.82 7.14 13.50
N GLY A 175 14.96 6.18 13.19
CA GLY A 175 13.53 6.42 13.30
C GLY A 175 12.80 5.60 14.34
N ASN A 176 13.54 5.10 15.33
CA ASN A 176 12.96 4.26 16.39
C ASN A 176 11.78 4.88 17.12
N ALA A 177 11.77 6.19 17.25
CA ALA A 177 10.69 6.87 17.95
C ALA A 177 9.37 6.69 17.19
N THR A 178 9.48 6.61 15.87
CA THR A 178 8.32 6.44 15.03
C THR A 178 8.06 4.97 14.75
N LEU A 179 9.07 4.28 14.22
CA LEU A 179 8.97 2.87 13.85
C LEU A 179 8.79 1.88 14.99
N LEU A 180 9.24 2.21 16.19
CA LEU A 180 9.09 1.29 17.31
C LEU A 180 7.99 1.68 18.31
N ARG A 181 7.12 2.60 17.91
CA ARG A 181 6.03 3.04 18.77
C ARG A 181 4.84 2.08 18.64
N THR A 182 3.87 2.23 19.52
CA THR A 182 2.68 1.40 19.49
C THR A 182 1.49 2.27 19.86
N ASP A 183 0.70 2.65 18.86
CA ASP A 183 -0.50 3.44 19.10
C ASP A 183 -1.62 2.44 19.34
N SER A 184 -2.26 2.54 20.51
CA SER A 184 -3.36 1.63 20.85
C SER A 184 -4.63 2.07 20.17
N PRO A 185 -5.38 1.12 19.59
CA PRO A 185 -6.62 1.51 18.91
C PRO A 185 -7.70 2.00 19.86
N LYS A 186 -8.64 2.75 19.30
CA LYS A 186 -9.79 3.25 20.02
C LYS A 186 -10.92 2.65 19.21
N ALA A 187 -11.83 1.94 19.86
CA ALA A 187 -12.92 1.32 19.14
C ALA A 187 -14.30 1.84 19.51
N HIS A 188 -15.27 1.57 18.65
CA HIS A 188 -16.66 1.96 18.87
C HIS A 188 -17.56 1.27 17.85
N VAL A 189 -18.81 1.04 18.23
CA VAL A 189 -19.78 0.38 17.37
C VAL A 189 -20.85 1.37 16.92
N THR A 190 -21.38 1.17 15.73
CA THR A 190 -22.46 2.00 15.20
C THR A 190 -23.62 1.05 14.89
N HIS A 191 -24.82 1.60 14.85
CA HIS A 191 -26.04 0.82 14.59
C HIS A 191 -26.65 1.33 13.31
N HIS A 192 -27.21 0.43 12.51
CA HIS A 192 -27.86 0.79 11.26
C HIS A 192 -29.07 -0.11 11.02
N SER A 193 -30.25 0.50 10.89
CA SER A 193 -31.47 -0.25 10.67
C SER A 193 -31.52 -0.86 9.27
N ARG A 194 -32.14 -2.02 9.15
CA ARG A 194 -32.28 -2.70 7.87
C ARG A 194 -33.69 -3.23 7.74
N PRO A 195 -34.11 -3.57 6.50
CA PRO A 195 -35.46 -4.10 6.31
C PRO A 195 -35.53 -5.50 6.90
N GLU A 196 -36.73 -5.92 7.27
CA GLU A 196 -36.97 -7.25 7.84
C GLU A 196 -36.40 -7.37 9.25
N ASP A 197 -36.69 -6.38 10.08
CA ASP A 197 -36.25 -6.34 11.48
C ASP A 197 -34.81 -6.79 11.75
N LYS A 198 -33.88 -6.28 10.95
CA LYS A 198 -32.47 -6.61 11.10
C LYS A 198 -31.68 -5.32 11.22
N VAL A 199 -30.50 -5.40 11.82
CA VAL A 199 -29.65 -4.24 11.97
C VAL A 199 -28.20 -4.57 11.65
N THR A 200 -27.48 -3.59 11.13
CA THR A 200 -26.08 -3.75 10.82
C THR A 200 -25.29 -3.13 11.96
N LEU A 201 -24.48 -3.96 12.61
CA LEU A 201 -23.63 -3.52 13.69
C LEU A 201 -22.23 -3.46 13.09
N ARG A 202 -21.57 -2.31 13.24
CA ARG A 202 -20.24 -2.14 12.70
C ARG A 202 -19.29 -1.76 13.82
N CYS A 203 -18.18 -2.48 13.92
CA CYS A 203 -17.20 -2.23 14.94
C CYS A 203 -15.99 -1.55 14.30
N TRP A 204 -15.66 -0.38 14.81
CA TRP A 204 -14.55 0.43 14.31
C TRP A 204 -13.35 0.39 15.24
N ALA A 205 -12.15 0.40 14.66
CA ALA A 205 -10.91 0.45 15.40
C ALA A 205 -10.16 1.59 14.70
N LEU A 206 -9.72 2.60 15.46
CA LEU A 206 -9.04 3.76 14.87
C LEU A 206 -7.71 4.15 15.50
N GLY A 207 -6.93 4.90 14.72
CA GLY A 207 -5.65 5.40 15.19
C GLY A 207 -4.65 4.45 15.80
N PHE A 208 -4.46 3.29 15.20
CA PHE A 208 -3.51 2.34 15.74
C PHE A 208 -2.28 2.14 14.87
N TYR A 209 -1.23 1.60 15.49
CA TYR A 209 0.04 1.30 14.84
C TYR A 209 0.72 0.33 15.81
N PRO A 210 1.31 -0.76 15.30
CA PRO A 210 1.41 -1.23 13.91
C PRO A 210 0.06 -1.59 13.29
N ALA A 211 0.06 -1.77 11.98
CA ALA A 211 -1.15 -2.11 11.23
C ALA A 211 -1.82 -3.41 11.66
N ASP A 212 -1.03 -4.35 12.18
CA ASP A 212 -1.57 -5.64 12.59
C ASP A 212 -2.57 -5.60 13.73
N ILE A 213 -3.79 -6.04 13.44
CA ILE A 213 -4.86 -6.04 14.43
C ILE A 213 -5.86 -7.15 14.13
N THR A 214 -6.67 -7.51 15.13
CA THR A 214 -7.67 -8.54 14.96
C THR A 214 -9.01 -8.08 15.51
N LEU A 215 -10.01 -8.01 14.62
CA LEU A 215 -11.35 -7.61 14.99
C LEU A 215 -12.25 -8.83 14.82
N THR A 216 -13.02 -9.15 15.84
CA THR A 216 -13.93 -10.28 15.77
C THR A 216 -15.25 -9.91 16.45
N TRP A 217 -16.32 -10.53 15.99
CA TRP A 217 -17.65 -10.34 16.56
C TRP A 217 -17.99 -11.71 17.13
N GLN A 218 -18.55 -11.74 18.34
CA GLN A 218 -18.89 -13.00 18.96
C GLN A 218 -20.34 -13.11 19.40
N LEU A 219 -20.76 -14.35 19.64
CA LEU A 219 -22.09 -14.70 20.08
C LEU A 219 -21.93 -16.01 20.84
N ASN A 220 -22.50 -16.11 22.03
CA ASN A 220 -22.40 -17.33 22.84
C ASN A 220 -20.97 -17.88 22.90
N GLY A 221 -19.99 -16.98 23.01
CA GLY A 221 -18.61 -17.40 23.10
C GLY A 221 -17.92 -17.74 21.80
N GLU A 222 -18.68 -18.04 20.76
CA GLU A 222 -18.09 -18.37 19.47
C GLU A 222 -17.92 -17.15 18.55
N GLU A 223 -16.77 -17.09 17.87
CA GLU A 223 -16.47 -15.99 16.97
C GLU A 223 -17.17 -16.23 15.62
N LEU A 224 -18.02 -15.29 15.22
CA LEU A 224 -18.79 -15.38 13.98
C LEU A 224 -18.02 -14.97 12.73
N ILE A 225 -16.89 -15.63 12.48
CA ILE A 225 -16.04 -15.33 11.33
C ILE A 225 -16.75 -15.39 9.98
N GLN A 226 -17.52 -16.44 9.73
CA GLN A 226 -18.22 -16.58 8.45
C GLN A 226 -19.31 -15.53 8.22
N ASP A 227 -19.88 -15.03 9.31
CA ASP A 227 -20.96 -14.06 9.23
C ASP A 227 -20.51 -12.61 9.38
N MET A 228 -19.24 -12.35 9.09
CA MET A 228 -18.71 -11.00 9.22
C MET A 228 -18.40 -10.31 7.90
N GLU A 229 -18.59 -9.00 7.91
CA GLU A 229 -18.30 -8.12 6.77
C GLU A 229 -17.02 -7.47 7.29
N LEU A 230 -16.07 -7.17 6.41
CA LEU A 230 -14.80 -6.64 6.90
C LEU A 230 -13.95 -5.98 5.81
N VAL A 231 -13.33 -4.85 6.14
CA VAL A 231 -12.45 -4.17 5.18
C VAL A 231 -11.00 -4.41 5.50
N GLU A 232 -10.15 -4.30 4.49
CA GLU A 232 -8.72 -4.48 4.70
C GLU A 232 -8.27 -3.28 5.55
N THR A 233 -7.29 -3.51 6.43
CA THR A 233 -6.78 -2.43 7.27
C THR A 233 -6.27 -1.33 6.37
N ARG A 234 -6.59 -0.09 6.70
CA ARG A 234 -6.24 1.03 5.86
C ARG A 234 -5.56 2.22 6.53
N PRO A 235 -4.59 2.83 5.83
CA PRO A 235 -3.83 4.00 6.31
C PRO A 235 -4.79 5.17 6.43
N ALA A 236 -4.73 5.89 7.54
CA ALA A 236 -5.65 7.01 7.75
C ALA A 236 -5.07 8.41 7.48
N GLY A 237 -3.90 8.47 6.85
CA GLY A 237 -3.32 9.75 6.53
C GLY A 237 -2.28 10.37 7.43
N ASP A 238 -2.08 9.81 8.63
CA ASP A 238 -1.10 10.36 9.57
C ASP A 238 -0.13 9.32 10.12
N GLY A 239 -0.03 8.19 9.43
CA GLY A 239 0.86 7.13 9.87
C GLY A 239 0.15 6.11 10.77
N THR A 240 -1.15 6.28 10.96
CA THR A 240 -1.89 5.31 11.76
C THR A 240 -2.86 4.61 10.84
N PHE A 241 -3.51 3.57 11.33
CA PHE A 241 -4.45 2.81 10.51
C PHE A 241 -5.82 2.67 11.16
N GLN A 242 -6.78 2.16 10.41
CA GLN A 242 -8.13 1.92 10.92
C GLN A 242 -8.73 0.69 10.24
N LYS A 243 -9.79 0.15 10.83
CA LYS A 243 -10.46 -1.02 10.29
C LYS A 243 -11.84 -1.15 10.91
N TRP A 244 -12.73 -1.86 10.23
CA TRP A 244 -14.06 -2.12 10.75
C TRP A 244 -14.50 -3.51 10.34
N ALA A 245 -15.45 -4.04 11.10
CA ALA A 245 -16.00 -5.37 10.87
C ALA A 245 -17.47 -5.27 11.28
N SER A 246 -18.36 -5.80 10.45
CA SER A 246 -19.78 -5.72 10.77
C SER A 246 -20.49 -7.05 10.72
N VAL A 247 -21.66 -7.09 11.36
CA VAL A 247 -22.47 -8.28 11.41
C VAL A 247 -23.94 -7.85 11.46
N VAL A 248 -24.79 -8.48 10.66
CA VAL A 248 -26.21 -8.17 10.64
C VAL A 248 -26.93 -9.09 11.63
N VAL A 249 -27.52 -8.51 12.67
CA VAL A 249 -28.19 -9.29 13.69
C VAL A 249 -29.69 -9.02 13.79
N PRO A 250 -30.44 -9.89 14.51
CA PRO A 250 -31.88 -9.73 14.68
C PRO A 250 -32.17 -8.53 15.57
N LEU A 251 -33.18 -7.75 15.21
CA LEU A 251 -33.55 -6.57 15.98
C LEU A 251 -33.97 -7.01 17.37
N GLY A 252 -33.43 -6.33 18.39
CA GLY A 252 -33.75 -6.66 19.77
C GLY A 252 -32.81 -7.70 20.36
N LYS A 253 -31.93 -8.25 19.53
CA LYS A 253 -30.98 -9.27 19.97
C LYS A 253 -29.54 -8.73 19.95
N GLU A 254 -29.38 -7.47 19.59
CA GLU A 254 -28.06 -6.84 19.50
C GLU A 254 -27.15 -7.04 20.71
N GLN A 255 -27.64 -6.72 21.90
CA GLN A 255 -26.87 -6.81 23.15
C GLN A 255 -26.08 -8.10 23.44
N TYR A 256 -26.39 -9.17 22.72
CA TYR A 256 -25.69 -10.44 22.92
C TYR A 256 -24.33 -10.42 22.23
N TYR A 257 -24.28 -9.77 21.07
CA TYR A 257 -23.05 -9.69 20.28
C TYR A 257 -22.04 -8.72 20.85
N THR A 258 -20.78 -9.15 20.88
CA THR A 258 -19.69 -8.33 21.41
C THR A 258 -18.56 -8.23 20.39
N CYS A 259 -17.83 -7.13 20.42
CA CYS A 259 -16.71 -6.93 19.51
C CYS A 259 -15.40 -7.03 20.28
N HIS A 260 -14.46 -7.81 19.77
CA HIS A 260 -13.19 -7.96 20.44
C HIS A 260 -12.08 -7.44 19.56
N VAL A 261 -11.25 -6.58 20.14
CA VAL A 261 -10.13 -5.97 19.44
C VAL A 261 -8.81 -6.45 20.04
N TYR A 262 -7.96 -7.02 19.20
CA TYR A 262 -6.65 -7.52 19.62
C TYR A 262 -5.55 -6.72 18.92
N HIS A 263 -4.61 -6.20 19.70
CA HIS A 263 -3.53 -5.40 19.15
C HIS A 263 -2.42 -5.40 20.20
N GLN A 264 -1.17 -5.25 19.77
CA GLN A 264 -0.06 -5.23 20.72
C GLN A 264 -0.13 -4.12 21.77
N GLY A 265 -0.77 -3.01 21.42
CA GLY A 265 -0.92 -1.90 22.34
C GLY A 265 -2.03 -2.11 23.37
N LEU A 266 -2.67 -3.26 23.33
CA LEU A 266 -3.75 -3.58 24.27
C LEU A 266 -3.28 -4.79 25.07
N PRO A 267 -2.79 -4.58 26.31
CA PRO A 267 -2.33 -5.69 27.15
C PRO A 267 -3.45 -6.72 27.30
N GLU A 268 -4.68 -6.22 27.34
CA GLU A 268 -5.86 -7.04 27.43
C GLU A 268 -6.78 -6.52 26.35
N PRO A 269 -7.35 -7.41 25.54
CA PRO A 269 -8.26 -7.12 24.44
C PRO A 269 -9.51 -6.32 24.80
N LEU A 270 -9.92 -5.43 23.90
CA LEU A 270 -11.10 -4.61 24.11
C LEU A 270 -12.36 -5.41 23.80
N THR A 271 -13.42 -5.16 24.55
CA THR A 271 -14.68 -5.84 24.33
C THR A 271 -15.79 -4.80 24.32
N LEU A 272 -16.52 -4.73 23.22
CA LEU A 272 -17.58 -3.72 23.08
C LEU A 272 -18.93 -4.33 22.75
N ARG A 273 -19.96 -3.51 22.97
CA ARG A 273 -21.35 -3.85 22.69
C ARG A 273 -21.95 -2.51 22.25
N TRP A 274 -23.09 -2.57 21.57
CA TRP A 274 -23.74 -1.34 21.12
C TRP A 274 -24.53 -0.79 22.30
N ILE B 1 -3.74 -6.79 -17.27
CA ILE B 1 -4.88 -7.18 -16.39
C ILE B 1 -5.73 -5.94 -16.11
N GLN B 2 -7.05 -6.12 -16.13
CA GLN B 2 -7.96 -5.01 -15.87
C GLN B 2 -8.85 -5.28 -14.66
N LYS B 3 -8.64 -4.50 -13.60
CA LYS B 3 -9.41 -4.66 -12.37
C LYS B 3 -10.05 -3.34 -11.96
N THR B 4 -11.32 -3.41 -11.61
CA THR B 4 -12.08 -2.23 -11.18
C THR B 4 -11.73 -1.90 -9.72
N PRO B 5 -11.38 -0.63 -9.47
CA PRO B 5 -11.00 -0.12 -8.16
C PRO B 5 -12.11 -0.08 -7.13
N GLN B 6 -11.74 -0.36 -5.88
CA GLN B 6 -12.66 -0.30 -4.75
C GLN B 6 -12.33 1.07 -4.15
N ILE B 7 -13.32 1.90 -3.93
CA ILE B 7 -13.09 3.25 -3.39
C ILE B 7 -13.71 3.42 -2.01
N GLN B 8 -12.86 3.69 -1.02
CA GLN B 8 -13.32 3.86 0.36
C GLN B 8 -13.05 5.30 0.82
N VAL B 9 -14.07 5.97 1.31
CA VAL B 9 -13.93 7.34 1.80
C VAL B 9 -14.17 7.33 3.31
N TYR B 10 -13.26 7.95 4.06
CA TYR B 10 -13.38 7.98 5.52
C TYR B 10 -12.47 9.03 6.15
N SER B 11 -12.80 9.46 7.36
CA SER B 11 -11.98 10.44 8.05
C SER B 11 -11.08 9.78 9.12
N ARG B 12 -10.05 10.51 9.55
CA ARG B 12 -9.12 10.02 10.57
C ARG B 12 -9.77 9.85 11.95
N HIS B 13 -10.59 10.81 12.35
CA HIS B 13 -11.25 10.77 13.65
C HIS B 13 -12.75 10.87 13.42
N PRO B 14 -13.56 10.54 14.45
CA PRO B 14 -15.00 10.66 14.25
C PRO B 14 -15.20 12.17 14.06
N PRO B 15 -15.98 12.56 13.05
CA PRO B 15 -16.19 13.99 12.83
C PRO B 15 -16.89 14.74 13.95
N GLU B 16 -16.48 15.98 14.15
CA GLU B 16 -17.07 16.87 15.13
C GLU B 16 -17.03 18.20 14.41
N ASN B 17 -18.20 18.69 14.02
CA ASN B 17 -18.27 19.95 13.29
C ASN B 17 -17.39 20.98 13.98
N GLY B 18 -16.44 21.55 13.22
CA GLY B 18 -15.56 22.54 13.78
C GLY B 18 -14.18 22.02 14.13
N LYS B 19 -14.06 20.74 14.44
CA LYS B 19 -12.76 20.16 14.76
C LYS B 19 -12.03 19.78 13.47
N PRO B 20 -10.75 20.15 13.34
CA PRO B 20 -9.95 19.84 12.16
C PRO B 20 -9.84 18.31 12.03
N ASN B 21 -9.62 17.83 10.80
CA ASN B 21 -9.54 16.39 10.55
C ASN B 21 -8.83 16.10 9.23
N ILE B 22 -8.79 14.84 8.83
CA ILE B 22 -8.18 14.42 7.57
C ILE B 22 -9.22 13.55 6.89
N LEU B 23 -9.43 13.79 5.60
CA LEU B 23 -10.37 13.01 4.81
C LEU B 23 -9.54 12.13 3.90
N ASN B 24 -9.91 10.86 3.81
CA ASN B 24 -9.17 9.91 2.99
C ASN B 24 -10.02 9.25 1.94
N CYS B 25 -9.39 8.94 0.83
CA CYS B 25 -10.03 8.26 -0.27
C CYS B 25 -9.00 7.21 -0.62
N TYR B 26 -9.28 5.98 -0.21
CA TYR B 26 -8.39 4.86 -0.47
C TYR B 26 -8.92 4.12 -1.69
N VAL B 27 -8.14 4.13 -2.76
CA VAL B 27 -8.53 3.45 -4.00
C VAL B 27 -7.67 2.19 -4.08
N THR B 28 -8.34 1.04 -4.04
CA THR B 28 -7.65 -0.23 -4.02
C THR B 28 -8.05 -1.29 -5.03
N GLN B 29 -7.15 -2.23 -5.25
CA GLN B 29 -7.37 -3.37 -6.15
C GLN B 29 -7.70 -3.00 -7.59
N PHE B 30 -6.81 -2.23 -8.22
CA PHE B 30 -7.04 -1.82 -9.60
C PHE B 30 -5.83 -2.07 -10.48
N HIS B 31 -6.09 -2.19 -11.78
CA HIS B 31 -5.06 -2.45 -12.78
C HIS B 31 -5.69 -2.14 -14.12
N PRO B 32 -4.99 -1.43 -15.03
CA PRO B 32 -3.65 -0.84 -14.97
C PRO B 32 -3.56 0.30 -13.97
N PRO B 33 -2.33 0.80 -13.71
CA PRO B 33 -2.10 1.89 -12.76
C PRO B 33 -2.60 3.28 -13.16
N HIS B 34 -2.95 3.47 -14.43
CA HIS B 34 -3.46 4.76 -14.89
C HIS B 34 -4.80 5.01 -14.18
N ILE B 35 -4.89 6.13 -13.48
CA ILE B 35 -6.11 6.47 -12.76
C ILE B 35 -6.12 7.96 -12.39
N GLU B 36 -7.31 8.54 -12.32
CA GLU B 36 -7.46 9.95 -11.95
C GLU B 36 -8.35 9.95 -10.72
N ILE B 37 -7.87 10.58 -9.65
CA ILE B 37 -8.60 10.65 -8.39
C ILE B 37 -8.77 12.09 -7.95
N GLN B 38 -10.01 12.49 -7.67
CA GLN B 38 -10.30 13.85 -7.22
C GLN B 38 -11.15 13.80 -5.97
N MET B 39 -10.85 14.70 -5.05
CA MET B 39 -11.62 14.82 -3.82
C MET B 39 -12.39 16.10 -4.00
N LEU B 40 -13.68 16.09 -3.65
CA LEU B 40 -14.52 17.25 -3.85
C LEU B 40 -15.26 17.73 -2.63
N LYS B 41 -15.26 19.04 -2.44
CA LYS B 41 -15.98 19.66 -1.34
C LYS B 41 -17.10 20.41 -2.03
N ASN B 42 -18.34 20.05 -1.71
CA ASN B 42 -19.51 20.71 -2.29
C ASN B 42 -19.51 20.70 -3.82
N GLY B 43 -19.07 19.59 -4.41
CA GLY B 43 -19.05 19.48 -5.85
C GLY B 43 -17.86 20.16 -6.49
N LYS B 44 -17.03 20.81 -5.68
CA LYS B 44 -15.87 21.49 -6.23
C LYS B 44 -14.59 20.76 -5.86
N LYS B 45 -13.62 20.77 -6.76
CA LYS B 45 -12.35 20.10 -6.54
C LYS B 45 -11.44 20.71 -5.47
N ILE B 46 -11.00 19.86 -4.53
CA ILE B 46 -10.10 20.28 -3.46
C ILE B 46 -8.68 20.29 -4.03
N PRO B 47 -7.94 21.40 -3.82
CA PRO B 47 -6.56 21.62 -4.28
C PRO B 47 -5.46 20.84 -3.58
N LYS B 48 -5.29 21.10 -2.28
CA LYS B 48 -4.25 20.45 -1.49
C LYS B 48 -4.56 19.01 -1.08
N VAL B 49 -4.45 18.10 -2.04
CA VAL B 49 -4.71 16.70 -1.80
C VAL B 49 -3.41 15.93 -1.99
N GLU B 50 -2.97 15.23 -0.95
CA GLU B 50 -1.75 14.44 -0.99
C GLU B 50 -2.01 12.96 -1.31
N MET B 51 -1.22 12.41 -2.22
CA MET B 51 -1.32 11.02 -2.62
C MET B 51 -0.18 10.28 -1.93
N SER B 52 -0.50 9.22 -1.20
CA SER B 52 0.52 8.46 -0.49
C SER B 52 0.13 7.00 -0.32
N ASP B 53 1.00 6.26 0.36
CA ASP B 53 0.78 4.85 0.66
C ASP B 53 0.52 3.94 -0.54
N MET B 54 1.28 4.15 -1.61
CA MET B 54 1.12 3.31 -2.78
C MET B 54 1.79 1.97 -2.54
N SER B 55 1.13 0.89 -2.95
CA SER B 55 1.68 -0.45 -2.78
C SER B 55 0.88 -1.40 -3.67
N PHE B 56 1.32 -2.64 -3.79
CA PHE B 56 0.58 -3.62 -4.58
C PHE B 56 0.25 -4.73 -3.62
N SER B 57 -0.77 -5.51 -3.93
CA SER B 57 -1.11 -6.66 -3.09
C SER B 57 -0.39 -7.87 -3.67
N LYS B 58 -0.73 -9.06 -3.15
CA LYS B 58 -0.12 -10.30 -3.62
C LYS B 58 -0.44 -10.58 -5.08
N ASP B 59 -1.66 -10.25 -5.50
CA ASP B 59 -2.08 -10.47 -6.87
C ASP B 59 -1.61 -9.37 -7.82
N TRP B 60 -0.84 -8.42 -7.28
CA TRP B 60 -0.27 -7.29 -8.03
C TRP B 60 -1.17 -6.08 -8.28
N SER B 61 -2.40 -6.11 -7.78
CA SER B 61 -3.26 -4.96 -7.99
C SER B 61 -2.79 -3.77 -7.14
N PHE B 62 -3.05 -2.57 -7.63
CA PHE B 62 -2.63 -1.32 -7.00
C PHE B 62 -3.50 -0.77 -5.88
N TYR B 63 -2.85 -0.11 -4.93
CA TYR B 63 -3.47 0.53 -3.78
C TYR B 63 -2.87 1.94 -3.71
N ILE B 64 -3.69 2.96 -3.58
CA ILE B 64 -3.20 4.34 -3.46
C ILE B 64 -4.10 5.12 -2.51
N LEU B 65 -3.52 6.04 -1.75
CA LEU B 65 -4.28 6.86 -0.79
C LEU B 65 -4.25 8.35 -1.11
N ALA B 66 -5.43 8.94 -1.22
CA ALA B 66 -5.52 10.37 -1.46
C ALA B 66 -6.04 10.92 -0.15
N HIS B 67 -5.46 12.01 0.33
CA HIS B 67 -5.93 12.59 1.57
C HIS B 67 -5.67 14.07 1.65
N THR B 68 -6.53 14.75 2.37
CA THR B 68 -6.45 16.20 2.54
C THR B 68 -7.00 16.51 3.94
N GLU B 69 -6.60 17.63 4.50
CA GLU B 69 -7.08 18.02 5.82
C GLU B 69 -8.34 18.83 5.60
N PHE B 70 -9.30 18.68 6.49
CA PHE B 70 -10.55 19.42 6.37
C PHE B 70 -11.14 19.55 7.77
N THR B 71 -12.14 20.41 7.92
CA THR B 71 -12.80 20.62 9.19
C THR B 71 -14.29 20.46 8.86
N PRO B 72 -14.89 19.34 9.26
CA PRO B 72 -16.30 19.07 9.00
C PRO B 72 -17.29 20.11 9.52
N THR B 73 -18.35 20.31 8.74
CA THR B 73 -19.43 21.24 9.05
C THR B 73 -20.68 20.45 8.71
N GLU B 74 -21.78 20.74 9.37
CA GLU B 74 -23.01 20.00 9.10
C GLU B 74 -23.63 20.26 7.72
N THR B 75 -23.10 21.23 6.97
CA THR B 75 -23.65 21.52 5.65
C THR B 75 -22.74 21.19 4.47
N ASP B 76 -21.49 20.82 4.74
CA ASP B 76 -20.52 20.49 3.70
C ASP B 76 -20.54 19.01 3.33
N THR B 77 -20.53 18.73 2.03
CA THR B 77 -20.55 17.36 1.54
C THR B 77 -19.22 17.08 0.87
N TYR B 78 -18.66 15.90 1.13
CA TYR B 78 -17.39 15.50 0.55
C TYR B 78 -17.56 14.22 -0.25
N ALA B 79 -16.80 14.11 -1.33
CA ALA B 79 -16.87 12.93 -2.19
C ALA B 79 -15.54 12.70 -2.87
N CYS B 80 -15.37 11.52 -3.44
CA CYS B 80 -14.15 11.15 -4.13
C CYS B 80 -14.57 10.65 -5.49
N ARG B 81 -14.09 11.30 -6.54
CA ARG B 81 -14.42 10.89 -7.89
C ARG B 81 -13.21 10.25 -8.56
N VAL B 82 -13.38 9.00 -8.99
CA VAL B 82 -12.34 8.23 -9.62
C VAL B 82 -12.68 7.87 -11.07
N LYS B 83 -11.68 7.92 -11.94
CA LYS B 83 -11.84 7.58 -13.35
C LYS B 83 -10.77 6.53 -13.66
N HIS B 84 -11.18 5.44 -14.31
CA HIS B 84 -10.27 4.35 -14.65
C HIS B 84 -10.87 3.60 -15.84
N ASP B 85 -10.02 3.12 -16.75
CA ASP B 85 -10.44 2.40 -17.95
C ASP B 85 -11.47 1.30 -17.77
N SER B 86 -11.53 0.72 -16.57
CA SER B 86 -12.47 -0.36 -16.30
C SER B 86 -13.89 0.13 -16.09
N MET B 87 -14.09 1.43 -16.08
CA MET B 87 -15.40 2.00 -15.83
C MET B 87 -15.91 2.85 -17.00
N ALA B 88 -17.22 2.78 -17.24
CA ALA B 88 -17.83 3.55 -18.34
C ALA B 88 -17.79 5.05 -18.07
N GLU B 89 -18.13 5.42 -16.84
CA GLU B 89 -18.14 6.81 -16.40
C GLU B 89 -17.48 6.92 -15.02
N PRO B 90 -17.04 8.13 -14.64
CA PRO B 90 -16.38 8.39 -13.35
C PRO B 90 -17.24 7.99 -12.16
N LYS B 91 -16.64 7.30 -11.20
CA LYS B 91 -17.38 6.91 -10.02
C LYS B 91 -17.15 7.91 -8.89
N THR B 92 -18.24 8.35 -8.27
CA THR B 92 -18.17 9.30 -7.16
C THR B 92 -18.66 8.65 -5.87
N VAL B 93 -17.78 8.47 -4.91
CA VAL B 93 -18.15 7.88 -3.63
C VAL B 93 -18.22 9.02 -2.60
N TYR B 94 -19.34 9.13 -1.91
CA TYR B 94 -19.55 10.18 -0.91
C TYR B 94 -19.18 9.77 0.50
N TRP B 95 -18.74 10.75 1.27
CA TRP B 95 -18.39 10.51 2.65
C TRP B 95 -19.67 10.36 3.47
N ASP B 96 -19.85 9.20 4.07
CA ASP B 96 -21.00 8.89 4.92
C ASP B 96 -20.48 9.02 6.34
N ARG B 97 -20.76 10.16 6.96
CA ARG B 97 -20.29 10.41 8.32
C ARG B 97 -21.06 9.65 9.39
N ASP B 98 -22.10 8.92 8.99
CA ASP B 98 -22.90 8.16 9.93
C ASP B 98 -22.55 6.66 9.89
N MET B 99 -21.58 6.29 9.05
CA MET B 99 -21.17 4.89 8.89
C MET B 99 -20.57 4.23 10.14
N SER C 1 18.07 1.69 1.38
CA SER C 1 18.93 1.93 0.18
C SER C 1 18.55 0.92 -0.90
N ARG C 2 18.23 1.42 -2.08
CA ARG C 2 17.82 0.61 -3.23
C ARG C 2 18.91 -0.17 -3.96
N ASP C 3 18.47 -1.17 -4.72
CA ASP C 3 19.35 -2.01 -5.53
C ASP C 3 19.66 -1.26 -6.83
N HIS C 4 20.81 -1.55 -7.44
CA HIS C 4 21.21 -0.89 -8.68
C HIS C 4 22.17 -1.77 -9.50
N SER C 5 22.37 -1.40 -10.77
CA SER C 5 23.24 -2.12 -11.68
C SER C 5 22.70 -3.53 -11.92
N ARG C 6 21.37 -3.62 -12.01
CA ARG C 6 20.69 -4.90 -12.20
C ARG C 6 20.81 -5.40 -13.64
N THR C 7 20.86 -6.72 -13.81
CA THR C 7 20.94 -7.32 -15.13
C THR C 7 19.61 -7.00 -15.81
N PRO C 8 19.64 -6.66 -17.12
CA PRO C 8 18.36 -6.37 -17.77
C PRO C 8 17.58 -7.67 -17.94
N MET C 9 16.32 -7.57 -18.35
CA MET C 9 15.51 -8.75 -18.56
C MET C 9 15.71 -9.33 -19.96
#